data_3BGU
#
_entry.id   3BGU
#
_cell.length_a   44.070
_cell.length_b   35.270
_cell.length_c   76.630
_cell.angle_alpha   90.00
_cell.angle_beta   104.09
_cell.angle_gamma   90.00
#
_symmetry.space_group_name_H-M   'P 1 2 1'
#
loop_
_entity.id
_entity.type
_entity.pdbx_description
1 polymer 'Ferredoxin-like protein of unknown function'
2 non-polymer 'CHLORIDE ION'
3 non-polymer 1,2-ETHANEDIOL
4 non-polymer NITROBENZENE
5 non-polymer 'ACETATE ION'
6 water water
#
_entity_poly.entity_id   1
_entity_poly.type   'polypeptide(L)'
_entity_poly.pdbx_seq_one_letter_code
;(MSE)GSDKIHHHHHHENLYFQG(MSE)GIRHIALFRWNDTVTPDQVEQVITALSKLPAAIPELKNYAFGADLGLAAGNY
DFAVVADLDGEDGFRAYQDHPDHRAALAIIAP(MSE)LADRVAVQFAL
;
_entity_poly.pdbx_strand_id   A,B
#
# COMPACT_ATOMS: atom_id res chain seq x y z
N HIS A 11 -16.07 -10.49 1.15
N HIS A 11 -21.37 -11.87 -2.93
CA HIS A 11 -17.46 -10.23 0.71
CA HIS A 11 -19.90 -11.71 -2.76
C HIS A 11 -17.50 -8.85 0.05
C HIS A 11 -19.33 -10.64 -3.73
N HIS A 12 -16.81 -8.78 -1.06
N HIS A 12 -18.59 -9.67 -3.19
CA HIS A 12 -16.58 -7.54 -1.78
CA HIS A 12 -17.81 -8.64 -3.94
C HIS A 12 -16.33 -8.07 -3.18
C HIS A 12 -16.35 -9.04 -3.72
N GLU A 13 -17.05 -7.61 -4.18
N GLU A 13 -15.52 -9.01 -4.76
CA GLU A 13 -17.59 -6.27 -4.24
CA GLU A 13 -14.34 -8.17 -4.74
C GLU A 13 -16.65 -5.50 -5.15
C GLU A 13 -13.92 -7.02 -5.58
N ASN A 14 -16.34 -6.07 -6.31
N ASN A 14 -12.93 -6.31 -5.03
CA ASN A 14 -15.69 -5.30 -7.34
CA ASN A 14 -12.47 -5.08 -5.64
C ASN A 14 -14.47 -4.56 -6.84
C ASN A 14 -11.45 -5.38 -6.74
N LEU A 15 -13.37 -4.76 -7.55
N LEU A 15 -12.09 -5.66 -7.90
CA LEU A 15 -12.06 -4.31 -7.15
CA LEU A 15 -12.10 -5.02 -9.23
C LEU A 15 -11.50 -3.44 -8.27
C LEU A 15 -11.43 -3.72 -9.52
N TYR A 16 -10.56 -2.54 -7.95
N TYR A 16 -10.31 -3.39 -8.91
CA TYR A 16 -9.90 -1.71 -8.96
CA TYR A 16 -9.80 -2.09 -9.24
C TYR A 16 -8.39 -1.64 -8.68
C TYR A 16 -8.42 -1.86 -8.68
N PHE A 17 -7.53 -2.16 -9.58
CA PHE A 17 -6.10 -2.12 -9.35
C PHE A 17 -5.51 -1.01 -10.23
N GLN A 18 -4.63 -0.23 -9.58
CA GLN A 18 -3.87 0.76 -10.34
C GLN A 18 -2.77 0.17 -11.20
N GLY A 19 -2.19 -0.94 -10.77
CA GLY A 19 -1.25 -1.65 -11.63
C GLY A 19 -1.64 -3.07 -11.79
N GLY A 21 -2.74 -6.50 -10.70
CA GLY A 21 -3.34 -7.25 -9.63
C GLY A 21 -2.71 -8.61 -9.44
N ILE A 22 -2.36 -8.90 -8.20
CA ILE A 22 -1.66 -10.12 -7.86
C ILE A 22 -2.51 -10.89 -6.90
N ARG A 23 -2.89 -12.10 -7.27
CA ARG A 23 -3.55 -13.01 -6.33
C ARG A 23 -2.52 -13.91 -5.67
N HIS A 24 -2.35 -13.70 -4.38
CA HIS A 24 -1.56 -14.57 -3.52
C HIS A 24 -2.46 -15.65 -2.93
N ILE A 25 -1.97 -16.87 -2.96
CA ILE A 25 -2.61 -18.01 -2.32
C ILE A 25 -1.58 -18.80 -1.52
N ALA A 26 -1.96 -19.13 -0.30
CA ALA A 26 -1.25 -20.14 0.50
C ALA A 26 -2.20 -21.20 1.02
N LEU A 27 -1.78 -22.45 0.86
CA LEU A 27 -2.51 -23.59 1.42
C LEU A 27 -1.65 -24.23 2.54
N PHE A 28 -2.31 -24.48 3.67
CA PHE A 28 -1.69 -25.05 4.84
C PHE A 28 -2.18 -26.46 5.11
N ARG A 29 -1.24 -27.29 5.57
N ARG A 29 -1.25 -27.32 5.49
CA ARG A 29 -1.48 -28.66 6.09
CA ARG A 29 -1.58 -28.60 6.13
C ARG A 29 -1.00 -28.64 7.55
C ARG A 29 -1.06 -28.49 7.55
N TRP A 30 -1.91 -28.82 8.50
CA TRP A 30 -1.56 -28.70 9.92
C TRP A 30 -0.71 -29.90 10.33
N ASN A 31 0.11 -29.68 11.37
CA ASN A 31 0.84 -30.79 11.98
C ASN A 31 -0.07 -31.40 13.09
N ASP A 32 0.43 -32.42 13.80
CA ASP A 32 -0.34 -33.15 14.83
C ASP A 32 -0.64 -32.29 16.05
N THR A 33 0.15 -31.25 16.20
CA THR A 33 0.02 -30.26 17.27
C THR A 33 -1.34 -29.55 17.27
N VAL A 34 -2.00 -29.48 16.12
CA VAL A 34 -3.13 -28.56 15.96
C VAL A 34 -4.51 -29.08 16.41
N THR A 35 -5.22 -28.23 17.16
CA THR A 35 -6.57 -28.46 17.72
C THR A 35 -7.60 -27.56 17.01
N PRO A 36 -8.89 -27.92 17.05
CA PRO A 36 -9.91 -27.04 16.50
C PRO A 36 -9.86 -25.60 17.06
N ASP A 37 -9.67 -25.45 18.39
CA ASP A 37 -9.58 -24.09 18.93
C ASP A 37 -8.42 -23.30 18.31
N GLN A 38 -7.29 -23.95 18.01
CA GLN A 38 -6.17 -23.27 17.37
C GLN A 38 -6.54 -22.83 15.94
N VAL A 39 -7.30 -23.64 15.18
CA VAL A 39 -7.79 -23.21 13.89
C VAL A 39 -8.69 -22.00 14.04
N GLU A 40 -9.54 -21.98 15.09
CA GLU A 40 -10.36 -20.82 15.39
C GLU A 40 -9.47 -19.58 15.65
N GLN A 41 -8.35 -19.77 16.35
CA GLN A 41 -7.35 -18.69 16.61
C GLN A 41 -6.78 -18.13 15.33
N VAL A 42 -6.48 -19.03 14.39
CA VAL A 42 -6.00 -18.65 13.07
C VAL A 42 -7.07 -17.83 12.29
N ILE A 43 -8.32 -18.27 12.36
CA ILE A 43 -9.43 -17.54 11.74
C ILE A 43 -9.53 -16.13 12.38
N THR A 44 -9.46 -16.04 13.70
CA THR A 44 -9.53 -14.77 14.42
C THR A 44 -8.36 -13.89 13.99
N ALA A 45 -7.17 -14.47 13.94
CA ALA A 45 -5.98 -13.69 13.59
C ALA A 45 -6.06 -13.15 12.18
N LEU A 46 -6.47 -13.95 11.21
CA LEU A 46 -6.55 -13.56 9.83
C LEU A 46 -7.64 -12.47 9.67
N SER A 47 -8.68 -12.52 10.51
CA SER A 47 -9.79 -11.60 10.41
C SER A 47 -9.41 -10.21 10.98
N LYS A 48 -8.65 -10.20 12.08
CA LYS A 48 -8.29 -8.97 12.84
C LYS A 48 -6.89 -8.38 12.54
N LEU A 49 -6.00 -9.20 12.01
CA LEU A 49 -4.68 -8.81 11.54
C LEU A 49 -4.52 -8.94 10.02
N PRO A 50 -5.40 -8.33 9.25
CA PRO A 50 -5.36 -8.63 7.84
C PRO A 50 -4.25 -7.93 7.01
N ALA A 51 -3.54 -6.97 7.61
CA ALA A 51 -2.58 -6.10 6.94
C ALA A 51 -3.29 -5.32 5.80
N ALA A 52 -4.39 -4.65 6.20
CA ALA A 52 -5.30 -3.98 5.28
C ALA A 52 -4.78 -2.61 4.79
N ILE A 53 -3.61 -2.66 4.18
CA ILE A 53 -3.04 -1.52 3.47
C ILE A 53 -3.93 -1.23 2.24
N PRO A 54 -3.93 0.01 1.74
CA PRO A 54 -4.71 0.34 0.53
C PRO A 54 -4.52 -0.59 -0.65
N GLU A 55 -3.32 -1.17 -0.84
CA GLU A 55 -3.03 -2.09 -1.93
C GLU A 55 -3.70 -3.45 -1.78
N LEU A 56 -4.08 -3.83 -0.59
CA LEU A 56 -4.83 -5.10 -0.37
C LEU A 56 -6.29 -4.82 -0.70
N LYS A 57 -6.72 -5.32 -1.84
CA LYS A 57 -8.04 -5.07 -2.36
C LYS A 57 -9.08 -6.08 -1.93
N ASN A 58 -8.67 -7.27 -1.56
N ASN A 58 -8.64 -7.32 -1.73
CA ASN A 58 -9.66 -8.31 -1.27
CA ASN A 58 -9.53 -8.42 -1.29
C ASN A 58 -8.88 -9.49 -0.65
C ASN A 58 -8.78 -9.43 -0.48
N TYR A 59 -9.56 -10.23 0.24
CA TYR A 59 -9.01 -11.42 0.86
C TYR A 59 -10.13 -12.34 1.22
N ALA A 60 -9.76 -13.62 1.38
CA ALA A 60 -10.68 -14.66 1.74
C ALA A 60 -9.86 -15.77 2.37
N PHE A 61 -10.43 -16.41 3.40
CA PHE A 61 -9.73 -17.54 3.97
C PHE A 61 -10.72 -18.47 4.67
N GLY A 62 -10.28 -19.70 4.87
CA GLY A 62 -11.12 -20.68 5.53
C GLY A 62 -10.59 -22.09 5.58
N ALA A 63 -11.24 -22.90 6.44
CA ALA A 63 -10.86 -24.28 6.65
C ALA A 63 -11.42 -25.15 5.53
N ASP A 64 -10.68 -26.22 5.24
CA ASP A 64 -11.12 -27.16 4.22
C ASP A 64 -12.46 -27.79 4.63
N LEU A 65 -13.32 -28.03 3.65
CA LEU A 65 -14.67 -28.55 3.92
C LEU A 65 -14.81 -30.07 3.96
N GLY A 66 -13.71 -30.80 3.80
CA GLY A 66 -13.73 -32.27 3.86
C GLY A 66 -14.35 -32.95 2.66
N LEU A 67 -14.40 -32.26 1.55
CA LEU A 67 -15.05 -32.78 0.30
C LEU A 67 -14.16 -33.61 -0.60
N ALA A 68 -12.86 -33.66 -0.31
CA ALA A 68 -11.93 -34.43 -1.19
C ALA A 68 -10.77 -35.02 -0.44
N ALA A 69 -10.74 -36.34 -0.36
CA ALA A 69 -9.62 -37.06 0.21
C ALA A 69 -8.28 -36.51 -0.30
N GLY A 70 -7.40 -36.14 0.64
CA GLY A 70 -6.03 -35.73 0.33
C GLY A 70 -5.83 -34.23 0.28
N ASN A 71 -6.90 -33.49 0.52
CA ASN A 71 -6.80 -32.03 0.52
C ASN A 71 -5.96 -31.55 1.69
N TYR A 72 -5.46 -30.32 1.55
CA TYR A 72 -4.85 -29.63 2.67
C TYR A 72 -5.95 -29.11 3.57
N ASP A 73 -5.60 -28.42 4.65
CA ASP A 73 -6.53 -28.13 5.72
C ASP A 73 -7.12 -26.73 5.70
N PHE A 74 -6.44 -25.77 5.06
CA PHE A 74 -6.77 -24.35 5.21
C PHE A 74 -6.19 -23.58 4.01
N ALA A 75 -6.91 -22.54 3.59
CA ALA A 75 -6.52 -21.64 2.49
C ALA A 75 -6.57 -20.20 2.93
N VAL A 76 -5.61 -19.39 2.49
N VAL A 76 -5.59 -19.41 2.47
CA VAL A 76 -5.75 -17.92 2.53
CA VAL A 76 -5.63 -17.92 2.49
C VAL A 76 -5.44 -17.34 1.13
C VAL A 76 -5.50 -17.40 1.05
N VAL A 77 -6.26 -16.37 0.70
CA VAL A 77 -6.14 -15.70 -0.60
C VAL A 77 -6.12 -14.18 -0.34
N ALA A 78 -5.20 -13.48 -1.00
CA ALA A 78 -5.08 -12.03 -0.83
C ALA A 78 -4.76 -11.44 -2.16
N ASP A 79 -5.53 -10.41 -2.55
CA ASP A 79 -5.39 -9.73 -3.83
C ASP A 79 -4.79 -8.38 -3.57
N LEU A 80 -3.63 -8.17 -4.20
CA LEU A 80 -2.70 -7.04 -3.96
C LEU A 80 -2.40 -6.27 -5.20
N ASP A 81 -2.36 -4.95 -5.09
CA ASP A 81 -2.11 -4.07 -6.19
C ASP A 81 -0.61 -3.87 -6.37
N GLY A 82 -0.04 -4.62 -7.31
CA GLY A 82 1.36 -4.43 -7.64
C GLY A 82 2.36 -5.17 -6.78
N GLU A 83 3.55 -5.38 -7.35
CA GLU A 83 4.66 -5.90 -6.53
C GLU A 83 4.98 -5.04 -5.32
N ASP A 84 4.91 -3.70 -5.44
CA ASP A 84 5.07 -2.83 -4.25
C ASP A 84 4.00 -3.10 -3.20
N GLY A 85 2.75 -3.32 -3.64
CA GLY A 85 1.68 -3.72 -2.73
C GLY A 85 2.04 -5.04 -2.01
N PHE A 86 2.51 -5.99 -2.81
CA PHE A 86 2.82 -7.32 -2.30
C PHE A 86 3.95 -7.22 -1.29
N ARG A 87 4.98 -6.45 -1.56
CA ARG A 87 6.08 -6.33 -0.64
C ARG A 87 5.66 -5.60 0.65
N ALA A 88 4.85 -4.55 0.51
CA ALA A 88 4.38 -3.82 1.70
C ALA A 88 3.54 -4.75 2.62
N TYR A 89 2.75 -5.60 2.00
CA TYR A 89 1.92 -6.56 2.67
C TYR A 89 2.79 -7.55 3.43
N GLN A 90 3.79 -8.13 2.77
CA GLN A 90 4.72 -9.07 3.41
C GLN A 90 5.39 -8.46 4.66
N ASP A 91 5.65 -7.16 4.63
CA ASP A 91 6.42 -6.46 5.63
C ASP A 91 5.57 -5.84 6.73
N HIS A 92 4.25 -5.87 6.56
CA HIS A 92 3.36 -5.16 7.47
C HIS A 92 3.35 -5.89 8.81
N PRO A 93 3.36 -5.14 9.92
CA PRO A 93 3.32 -5.82 11.16
C PRO A 93 2.18 -6.83 11.39
N ASP A 94 0.98 -6.55 10.87
CA ASP A 94 -0.14 -7.48 11.02
C ASP A 94 0.29 -8.83 10.41
N HIS A 95 0.89 -8.76 9.24
CA HIS A 95 1.27 -9.92 8.51
C HIS A 95 2.34 -10.73 9.21
N ARG A 96 3.37 -10.05 9.73
CA ARG A 96 4.39 -10.76 10.47
C ARG A 96 3.79 -11.39 11.73
N ALA A 97 2.85 -10.72 12.39
CA ALA A 97 2.18 -11.33 13.56
C ALA A 97 1.36 -12.58 13.17
N ALA A 98 0.66 -12.51 12.04
CA ALA A 98 -0.13 -13.68 11.59
C ALA A 98 0.79 -14.87 11.18
N LEU A 99 1.89 -14.59 10.49
CA LEU A 99 2.82 -15.65 10.09
C LEU A 99 3.33 -16.37 11.32
N ALA A 100 3.56 -15.60 12.38
CA ALA A 100 4.11 -16.08 13.67
C ALA A 100 3.16 -17.08 14.31
N ILE A 101 1.87 -16.76 14.26
CA ILE A 101 0.83 -17.62 14.82
C ILE A 101 0.73 -18.95 14.06
N ILE A 102 0.76 -18.86 12.74
CA ILE A 102 0.63 -20.04 11.93
C ILE A 102 1.86 -20.91 11.91
N ALA A 103 3.04 -20.32 11.93
CA ALA A 103 4.28 -21.10 11.69
C ALA A 103 4.41 -22.40 12.51
N PRO A 104 4.19 -22.35 13.84
CA PRO A 104 4.32 -23.57 14.66
C PRO A 104 3.28 -24.65 14.38
N LEU A 106 2.30 -25.61 11.31
CA LEU A 106 2.42 -26.12 9.95
C LEU A 106 3.14 -27.44 9.81
N ALA A 107 2.54 -28.38 9.07
CA ALA A 107 3.25 -29.55 8.56
C ALA A 107 3.75 -29.23 7.16
N ASP A 108 2.94 -28.46 6.42
CA ASP A 108 3.35 -27.96 5.17
C ASP A 108 2.59 -26.69 4.78
N ARG A 109 3.21 -25.93 3.88
CA ARG A 109 2.60 -24.72 3.30
C ARG A 109 3.02 -24.65 1.83
N VAL A 110 2.07 -24.47 0.90
CA VAL A 110 2.42 -24.29 -0.48
C VAL A 110 1.77 -23.01 -0.94
N ALA A 111 2.47 -22.24 -1.76
CA ALA A 111 2.00 -20.89 -2.17
C ALA A 111 2.27 -20.68 -3.70
N VAL A 112 1.44 -19.80 -4.24
CA VAL A 112 1.58 -19.23 -5.58
C VAL A 112 1.12 -17.77 -5.51
N GLN A 113 1.79 -16.92 -6.25
CA GLN A 113 1.20 -15.62 -6.62
C GLN A 113 1.06 -15.57 -8.16
N PHE A 114 -0.14 -15.24 -8.67
CA PHE A 114 -0.40 -15.11 -10.09
C PHE A 114 -1.05 -13.78 -10.42
N ALA A 115 -0.96 -13.39 -11.72
CA ALA A 115 -1.50 -12.13 -12.18
C ALA A 115 -3.03 -12.31 -12.41
N LEU A 116 -3.83 -11.52 -11.72
CA LEU A 116 -5.27 -11.71 -11.75
C LEU A 116 -5.84 -11.13 -13.07
N GLU B 13 17.84 9.60 -6.00
CA GLU B 13 18.70 8.60 -5.27
C GLU B 13 18.42 7.16 -5.69
N ASN B 14 17.15 6.70 -5.54
CA ASN B 14 16.72 5.37 -5.98
C ASN B 14 16.35 5.35 -7.46
N LEU B 15 17.30 4.93 -8.30
CA LEU B 15 17.14 5.03 -9.77
C LEU B 15 16.71 3.73 -10.48
N TYR B 16 16.48 2.64 -9.72
CA TYR B 16 15.92 1.37 -10.28
C TYR B 16 14.40 1.26 -10.53
N PHE B 17 14.01 1.29 -11.81
CA PHE B 17 12.58 1.17 -12.19
C PHE B 17 12.37 -0.07 -13.07
N GLN B 18 11.29 -0.81 -12.80
CA GLN B 18 10.90 -1.90 -13.66
C GLN B 18 10.35 -1.36 -14.95
N GLY B 19 9.70 -0.20 -14.87
CA GLY B 19 9.15 0.47 -16.06
C GLY B 19 9.73 1.84 -16.35
N GLY B 21 10.49 5.42 -15.40
CA GLY B 21 10.56 6.22 -14.18
C GLY B 21 9.89 7.56 -14.47
N ILE B 22 9.02 8.00 -13.57
CA ILE B 22 8.31 9.28 -13.73
C ILE B 22 8.62 10.19 -12.55
N ARG B 23 8.94 11.46 -12.85
CA ARG B 23 9.08 12.49 -11.83
C ARG B 23 7.90 13.42 -11.85
N HIS B 24 7.18 13.41 -10.73
CA HIS B 24 6.09 14.31 -10.43
C HIS B 24 6.57 15.48 -9.59
N ILE B 25 6.16 16.68 -10.01
CA ILE B 25 6.48 17.94 -9.37
C ILE B 25 5.22 18.72 -9.17
N ALA B 26 5.04 19.17 -7.93
CA ALA B 26 4.05 20.22 -7.64
C ALA B 26 4.70 21.38 -6.93
N LEU B 27 4.41 22.59 -7.40
CA LEU B 27 4.85 23.85 -6.75
C LEU B 27 3.63 24.58 -6.24
N PHE B 28 3.68 25.00 -4.99
CA PHE B 28 2.57 25.68 -4.33
C PHE B 28 2.90 27.14 -4.07
N ARG B 29 1.88 27.98 -4.24
CA ARG B 29 1.93 29.34 -3.78
C ARG B 29 0.85 29.45 -2.73
N TRP B 30 1.25 29.82 -1.52
CA TRP B 30 0.31 29.91 -0.43
C TRP B 30 -0.61 31.10 -0.56
N ASN B 31 -1.81 30.97 -0.01
CA ASN B 31 -2.68 32.11 0.09
C ASN B 31 -2.43 32.82 1.44
N ASP B 32 -3.08 33.96 1.67
CA ASP B 32 -2.90 34.77 2.90
C ASP B 32 -3.25 34.05 4.20
N THR B 33 -4.18 33.11 4.09
CA THR B 33 -4.55 32.20 5.18
C THR B 33 -3.31 31.57 5.86
N VAL B 34 -2.28 31.31 5.06
CA VAL B 34 -1.20 30.42 5.48
C VAL B 34 -0.22 31.07 6.46
N THR B 35 0.10 30.31 7.49
CA THR B 35 1.00 30.70 8.56
C THR B 35 2.23 29.80 8.54
N PRO B 36 3.34 30.25 9.15
CA PRO B 36 4.48 29.34 9.31
C PRO B 36 4.12 28.01 9.96
N ASP B 37 3.22 28.00 10.94
CA ASP B 37 2.84 26.76 11.62
C ASP B 37 2.10 25.83 10.69
N GLN B 38 1.25 26.41 9.82
CA GLN B 38 0.58 25.62 8.79
C GLN B 38 1.59 25.00 7.81
N VAL B 39 2.65 25.73 7.45
CA VAL B 39 3.70 25.16 6.56
C VAL B 39 4.42 23.99 7.24
N GLU B 40 4.76 24.13 8.52
CA GLU B 40 5.46 23.06 9.24
C GLU B 40 4.56 21.87 9.50
N GLN B 41 3.26 22.14 9.66
CA GLN B 41 2.25 21.10 9.67
C GLN B 41 2.36 20.26 8.40
N VAL B 42 2.51 20.92 7.26
CA VAL B 42 2.61 20.24 5.98
C VAL B 42 3.93 19.45 5.93
N ILE B 43 5.03 20.10 6.29
CA ILE B 43 6.32 19.40 6.35
C ILE B 43 6.23 18.10 7.18
N THR B 44 5.64 18.20 8.36
CA THR B 44 5.46 17.02 9.22
C THR B 44 4.65 15.93 8.50
N ALA B 45 3.55 16.31 7.86
CA ALA B 45 2.67 15.35 7.19
C ALA B 45 3.40 14.64 6.05
N LEU B 46 4.05 15.44 5.20
CA LEU B 46 4.74 14.92 4.05
C LEU B 46 5.88 14.02 4.48
N SER B 47 6.49 14.32 5.63
CA SER B 47 7.62 13.52 6.12
C SER B 47 7.25 12.05 6.38
N LYS B 48 5.96 11.83 6.63
CA LYS B 48 5.46 10.49 6.97
C LYS B 48 5.07 9.69 5.71
N LEU B 49 5.06 10.32 4.55
CA LEU B 49 4.55 9.66 3.36
C LEU B 49 5.46 8.53 2.77
N PRO B 50 6.79 8.73 2.69
CA PRO B 50 7.64 7.62 2.27
C PRO B 50 7.40 6.29 2.97
N ALA B 51 7.24 6.31 4.28
CA ALA B 51 7.00 5.09 5.02
C ALA B 51 5.63 4.52 4.72
N ALA B 52 4.69 5.39 4.35
CA ALA B 52 3.27 5.01 4.21
C ALA B 52 2.86 4.55 2.80
N ILE B 53 3.59 5.02 1.79
CA ILE B 53 3.23 4.88 0.38
C ILE B 53 4.34 4.12 -0.30
N PRO B 54 4.14 2.80 -0.50
CA PRO B 54 5.24 1.97 -1.01
C PRO B 54 5.64 2.22 -2.45
N GLU B 55 4.77 2.95 -3.15
CA GLU B 55 4.98 3.25 -4.55
C GLU B 55 5.94 4.41 -4.71
N LEU B 56 6.18 5.19 -3.64
CA LEU B 56 7.15 6.31 -3.70
C LEU B 56 8.57 5.78 -3.80
N LYS B 57 9.27 6.09 -4.87
N LYS B 57 9.23 6.00 -4.91
CA LYS B 57 10.66 5.60 -5.03
CA LYS B 57 10.61 5.53 -5.05
C LYS B 57 11.73 6.62 -4.60
C LYS B 57 11.55 6.55 -4.41
N ASN B 58 11.42 7.89 -4.71
N ASN B 58 11.30 7.82 -4.69
CA ASN B 58 12.12 8.95 -3.98
CA ASN B 58 11.98 8.92 -4.02
C ASN B 58 11.08 10.05 -3.74
C ASN B 58 10.97 10.00 -3.67
N TYR B 59 11.28 10.84 -2.70
CA TYR B 59 10.34 11.86 -2.31
C TYR B 59 11.12 12.99 -1.63
N ALA B 60 10.99 14.18 -2.18
CA ALA B 60 11.66 15.37 -1.66
C ALA B 60 10.68 16.50 -1.67
N PHE B 61 10.74 17.33 -0.64
CA PHE B 61 9.89 18.51 -0.52
C PHE B 61 10.50 19.57 0.37
N GLY B 62 10.01 20.80 0.22
CA GLY B 62 10.37 21.84 1.15
C GLY B 62 10.02 23.24 0.69
N ALA B 63 10.24 24.18 1.62
CA ALA B 63 9.95 25.59 1.42
C ALA B 63 10.99 26.28 0.55
N ASP B 64 10.52 27.23 -0.25
CA ASP B 64 11.41 28.03 -1.06
C ASP B 64 12.42 28.79 -0.18
N LEU B 65 13.63 28.92 -0.71
CA LEU B 65 14.75 29.47 0.04
C LEU B 65 14.89 31.00 -0.03
N GLY B 66 14.02 31.66 -0.80
CA GLY B 66 14.05 33.12 -0.95
C GLY B 66 15.15 33.66 -1.83
N LEU B 67 15.64 32.84 -2.75
CA LEU B 67 16.81 33.18 -3.60
C LEU B 67 16.46 33.91 -4.88
N ALA B 68 15.18 33.96 -5.24
CA ALA B 68 14.75 34.59 -6.50
C ALA B 68 13.37 35.20 -6.37
N ALA B 69 13.31 36.51 -6.63
CA ALA B 69 12.06 37.23 -6.77
C ALA B 69 11.04 36.49 -7.61
N GLY B 70 9.85 36.29 -7.05
CA GLY B 70 8.73 35.79 -7.82
C GLY B 70 8.58 34.28 -7.83
N ASN B 71 9.42 33.59 -7.07
CA ASN B 71 9.30 32.14 -6.89
C ASN B 71 7.98 31.78 -6.15
N TYR B 72 7.52 30.57 -6.36
CA TYR B 72 6.52 29.98 -5.52
C TYR B 72 7.11 29.64 -4.14
N ASP B 73 6.26 29.11 -3.25
CA ASP B 73 6.60 28.99 -1.84
C ASP B 73 7.06 27.63 -1.35
N PHE B 74 6.81 26.58 -2.13
CA PHE B 74 6.95 25.21 -1.63
C PHE B 74 6.95 24.28 -2.81
N ALA B 75 7.72 23.19 -2.71
CA ALA B 75 7.84 22.19 -3.79
C ALA B 75 7.69 20.77 -3.24
N VAL B 76 7.12 19.91 -4.07
CA VAL B 76 7.10 18.47 -3.86
C VAL B 76 7.55 17.77 -5.14
N VAL B 77 8.47 16.83 -4.96
CA VAL B 77 9.04 16.02 -6.03
C VAL B 77 8.93 14.58 -5.63
N ALA B 78 8.14 13.82 -6.39
CA ALA B 78 7.89 12.42 -6.11
C ALA B 78 8.31 11.61 -7.36
N ASP B 79 9.07 10.55 -7.14
CA ASP B 79 9.53 9.71 -8.22
C ASP B 79 8.84 8.34 -8.11
N LEU B 80 8.25 7.94 -9.22
CA LEU B 80 7.37 6.78 -9.31
C LEU B 80 7.78 5.85 -10.44
N ASP B 81 7.42 4.58 -10.29
CA ASP B 81 7.72 3.59 -11.32
C ASP B 81 6.48 3.42 -12.20
N GLY B 82 6.54 4.01 -13.37
CA GLY B 82 5.49 3.93 -14.36
C GLY B 82 4.27 4.77 -14.05
N GLU B 83 3.42 4.94 -15.08
CA GLU B 83 2.14 5.63 -14.91
C GLU B 83 1.27 4.94 -13.87
N ASP B 84 1.39 3.61 -13.78
CA ASP B 84 0.66 2.85 -12.77
C ASP B 84 1.09 3.25 -11.36
N GLY B 85 2.40 3.49 -11.17
CA GLY B 85 2.91 3.95 -9.88
C GLY B 85 2.40 5.32 -9.54
N PHE B 86 2.41 6.21 -10.54
CA PHE B 86 1.88 7.56 -10.37
C PHE B 86 0.40 7.54 -9.96
N ARG B 87 -0.42 6.77 -10.65
CA ARG B 87 -1.84 6.65 -10.27
C ARG B 87 -2.03 6.05 -8.86
N ALA B 88 -1.21 5.04 -8.48
CA ALA B 88 -1.25 4.45 -7.14
C ALA B 88 -0.96 5.48 -6.07
N TYR B 89 0.08 6.26 -6.29
CA TYR B 89 0.43 7.41 -5.44
C TYR B 89 -0.70 8.43 -5.32
N GLN B 90 -1.28 8.82 -6.47
CA GLN B 90 -2.38 9.79 -6.54
C GLN B 90 -3.59 9.34 -5.68
N ASP B 91 -3.87 8.04 -5.79
CA ASP B 91 -5.06 7.37 -5.24
C ASP B 91 -4.88 7.06 -3.74
N HIS B 92 -3.63 7.02 -3.29
CA HIS B 92 -3.33 6.49 -1.96
C HIS B 92 -3.96 7.35 -0.86
N PRO B 93 -4.66 6.70 0.07
CA PRO B 93 -5.36 7.49 1.07
C PRO B 93 -4.49 8.46 1.91
N ASP B 94 -3.24 8.12 2.19
CA ASP B 94 -2.36 8.99 2.96
C ASP B 94 -1.93 10.20 2.11
N HIS B 95 -1.84 10.01 0.79
CA HIS B 95 -1.61 11.11 -0.13
C HIS B 95 -2.83 12.03 -0.11
N ARG B 96 -4.03 11.44 -0.20
CA ARG B 96 -5.26 12.24 -0.25
C ARG B 96 -5.44 13.00 1.07
N ALA B 97 -5.03 12.37 2.18
CA ALA B 97 -5.10 13.05 3.48
C ALA B 97 -4.15 14.28 3.47
N ALA B 98 -2.99 14.12 2.83
CA ALA B 98 -2.01 15.22 2.79
C ALA B 98 -2.56 16.35 1.95
N LEU B 99 -3.07 16.01 0.78
CA LEU B 99 -3.68 17.01 -0.09
C LEU B 99 -4.77 17.81 0.66
N ALA B 100 -5.54 17.12 1.50
CA ALA B 100 -6.63 17.76 2.23
C ALA B 100 -6.09 18.81 3.22
N ILE B 101 -4.90 18.56 3.80
CA ILE B 101 -4.22 19.57 4.63
C ILE B 101 -3.83 20.80 3.77
N ILE B 102 -3.31 20.52 2.58
CA ILE B 102 -2.73 21.55 1.73
C ILE B 102 -3.80 22.37 0.99
N ALA B 103 -4.90 21.75 0.60
CA ALA B 103 -5.92 22.39 -0.22
C ALA B 103 -6.36 23.80 0.23
N PRO B 104 -6.77 23.97 1.51
CA PRO B 104 -7.26 25.30 1.90
C PRO B 104 -6.15 26.36 2.04
N LEU B 106 -3.89 26.91 -0.41
CA LEU B 106 -3.30 27.24 -1.73
C LEU B 106 -3.86 28.49 -2.33
N ALA B 107 -2.99 29.35 -2.81
CA ALA B 107 -3.36 30.37 -3.77
C ALA B 107 -3.20 29.76 -5.16
N ASP B 108 -2.12 29.00 -5.36
CA ASP B 108 -1.92 28.36 -6.64
C ASP B 108 -1.12 27.07 -6.54
N ARG B 109 -1.30 26.22 -7.55
CA ARG B 109 -0.55 24.95 -7.68
C ARG B 109 -0.25 24.70 -9.16
N VAL B 110 1.00 24.37 -9.47
N VAL B 110 1.02 24.43 -9.46
CA VAL B 110 1.39 24.04 -10.82
CA VAL B 110 1.43 24.04 -10.80
C VAL B 110 2.23 22.77 -10.85
C VAL B 110 2.06 22.67 -10.70
N ALA B 111 1.87 21.86 -11.74
CA ALA B 111 2.46 20.52 -11.76
C ALA B 111 2.87 20.07 -13.14
N VAL B 112 3.85 19.20 -13.17
CA VAL B 112 4.30 18.52 -14.36
C VAL B 112 4.66 17.11 -13.88
N GLN B 113 4.38 16.14 -14.75
CA GLN B 113 4.99 14.83 -14.63
C GLN B 113 5.81 14.61 -15.86
N PHE B 114 7.07 14.19 -15.68
CA PHE B 114 7.93 13.88 -16.84
C PHE B 114 8.71 12.57 -16.68
N ALA B 115 9.15 12.03 -17.81
CA ALA B 115 9.93 10.78 -17.82
C ALA B 115 11.36 11.09 -17.41
N LEU B 116 11.79 10.45 -16.32
CA LEU B 116 13.16 10.60 -15.82
C LEU B 116 14.20 10.01 -16.77
#